data_3TPX
#
_entry.id   3TPX
#
_cell.length_a   70.532
_cell.length_b   211.811
_cell.length_c   45.327
_cell.angle_alpha   90.00
_cell.angle_beta   90.00
_cell.angle_gamma   90.00
#
_symmetry.space_group_name_H-M   'C 2 2 21'
#
loop_
_entity.id
_entity.type
_entity.pdbx_description
1 polymer 'E3 ubiquitin-protein ligase Mdm2'
2 polymer 'D-peptide inhibitor DPMI-delta'
3 non-polymer 'SULFATE ION'
4 non-polymer 'CHLORIDE ION'
5 non-polymer 'ACETATE ION'
6 water water
#
loop_
_entity_poly.entity_id
_entity_poly.type
_entity_poly.pdbx_seq_one_letter_code
_entity_poly.pdbx_strand_id
1 'polypeptide(L)'
;ETLVRPKPLLLKLLKSVGAQKDTYTMKEVLFYLGQYIMTKRLYDEKQQHIVYCSNDLLGDLFGVPSFSVKEHRKIYTMIY
RNLVV
;
A,C,E
2 'polypeptide(D)' (DTH)(DAL)(DTR)(DTY)(DAL)(DSG)(TDF)(DGL)(DLY)(DLE)(DLE)(DAR) B,D,F
#
# COMPACT_ATOMS: atom_id res chain seq x y z
N THR A 2 5.89 -0.32 -3.25
CA THR A 2 5.01 0.81 -3.63
C THR A 2 5.81 2.10 -3.71
N LEU A 3 5.64 2.79 -4.83
CA LEU A 3 6.36 4.02 -5.04
C LEU A 3 5.42 5.19 -4.88
N VAL A 4 5.90 6.25 -4.24
CA VAL A 4 5.17 7.49 -4.21
C VAL A 4 5.93 8.57 -5.00
N ARG A 5 5.22 9.61 -5.41
CA ARG A 5 5.77 10.64 -6.23
C ARG A 5 5.69 11.97 -5.46
N PRO A 6 6.83 12.45 -4.92
CA PRO A 6 6.79 13.78 -4.30
C PRO A 6 6.35 14.88 -5.26
N LYS A 7 5.56 15.81 -4.76
CA LYS A 7 5.23 17.04 -5.50
C LYS A 7 6.51 17.88 -5.66
N PRO A 8 6.47 18.86 -6.55
CA PRO A 8 7.74 19.48 -6.93
C PRO A 8 8.60 20.07 -5.81
N LEU A 9 8.01 20.74 -4.82
CA LEU A 9 8.83 21.40 -3.81
C LEU A 9 9.35 20.35 -2.77
N LEU A 10 8.54 19.29 -2.54
CA LEU A 10 9.08 18.22 -1.70
C LEU A 10 10.27 17.54 -2.45
N LEU A 11 10.07 17.22 -3.72
CA LEU A 11 11.18 16.67 -4.49
C LEU A 11 12.44 17.52 -4.39
N LYS A 12 12.28 18.84 -4.54
CA LYS A 12 13.46 19.74 -4.38
C LYS A 12 14.11 19.57 -3.01
N LEU A 13 13.27 19.48 -1.97
CA LEU A 13 13.79 19.32 -0.60
C LEU A 13 14.59 18.03 -0.45
N LEU A 14 14.03 16.92 -0.95
CA LEU A 14 14.70 15.62 -0.81
C LEU A 14 16.03 15.61 -1.60
N LYS A 15 15.98 16.17 -2.79
CA LYS A 15 17.19 16.18 -3.62
C LYS A 15 18.28 17.01 -2.96
N SER A 16 17.88 17.97 -2.10
CA SER A 16 18.90 18.84 -1.51
C SER A 16 19.82 18.08 -0.52
N VAL A 17 19.34 16.90 -0.08
CA VAL A 17 20.07 16.11 0.88
C VAL A 17 20.45 14.76 0.29
N GLY A 18 20.47 14.70 -1.04
CA GLY A 18 21.12 13.54 -1.70
C GLY A 18 20.22 12.57 -2.44
N ALA A 19 18.89 12.74 -2.35
CA ALA A 19 17.99 11.88 -3.15
C ALA A 19 18.18 12.09 -4.67
N GLN A 20 17.87 11.07 -5.47
CA GLN A 20 18.20 11.12 -6.93
C GLN A 20 17.07 10.99 -7.96
N LYS A 21 15.99 10.34 -7.54
CA LYS A 21 14.93 9.88 -8.45
C LYS A 21 13.71 10.77 -8.41
N ASP A 22 12.70 10.45 -9.21
CA ASP A 22 11.41 11.13 -9.13
C ASP A 22 10.39 10.40 -8.25
N THR A 23 10.60 9.09 -8.06
CA THR A 23 9.62 8.29 -7.29
C THR A 23 10.39 7.48 -6.26
N TYR A 24 9.71 7.18 -5.14
CA TYR A 24 10.41 6.70 -3.96
C TYR A 24 9.55 5.76 -3.18
N THR A 25 10.18 4.84 -2.44
CA THR A 25 9.40 4.11 -1.41
C THR A 25 9.18 5.09 -0.28
N MET A 26 8.19 4.84 0.58
CA MET A 26 8.02 5.71 1.75
C MET A 26 9.22 5.62 2.68
N LYS A 27 9.83 4.45 2.78
CA LYS A 27 11.07 4.35 3.53
C LYS A 27 12.14 5.38 3.11
N GLU A 28 12.30 5.56 1.79
CA GLU A 28 13.35 6.45 1.27
C GLU A 28 12.91 7.92 1.55
N VAL A 29 11.63 8.21 1.38
CA VAL A 29 11.17 9.55 1.69
C VAL A 29 11.53 9.88 3.13
N LEU A 30 11.18 8.97 4.04
CA LEU A 30 11.45 9.19 5.43
C LEU A 30 12.96 9.35 5.72
N PHE A 31 13.77 8.51 5.08
CA PHE A 31 15.22 8.65 5.32
C PHE A 31 15.71 10.06 4.93
N TYR A 32 15.30 10.50 3.75
CA TYR A 32 15.76 11.87 3.36
C TYR A 32 15.16 13.00 4.17
N LEU A 33 13.90 12.86 4.62
CA LEU A 33 13.39 13.90 5.53
C LEU A 33 14.20 13.94 6.82
N GLY A 34 14.56 12.76 7.32
CA GLY A 34 15.42 12.67 8.52
C GLY A 34 16.79 13.33 8.30
N GLN A 35 17.35 13.06 7.12
CA GLN A 35 18.63 13.65 6.73
C GLN A 35 18.54 15.17 6.69
N TYR A 36 17.41 15.69 6.18
CA TYR A 36 17.21 17.11 6.07
C TYR A 36 17.09 17.78 7.46
N ILE A 37 16.29 17.18 8.35
CA ILE A 37 16.13 17.74 9.67
C ILE A 37 17.49 17.74 10.41
N MET A 38 18.24 16.67 10.24
N MET A 38 18.24 16.67 10.24
CA MET A 38 19.51 16.50 10.98
CA MET A 38 19.52 16.50 10.97
C MET A 38 20.58 17.43 10.42
C MET A 38 20.56 17.47 10.42
N THR A 39 20.66 17.53 9.10
CA THR A 39 21.71 18.35 8.46
C THR A 39 21.46 19.85 8.67
N LYS A 40 20.18 20.25 8.70
CA LYS A 40 19.83 21.66 8.97
C LYS A 40 19.70 21.98 10.44
N ARG A 41 19.85 20.97 11.28
CA ARG A 41 19.73 21.12 12.76
C ARG A 41 18.41 21.76 13.14
N LEU A 42 17.31 21.24 12.62
CA LEU A 42 16.02 21.86 12.86
C LEU A 42 15.44 21.39 14.18
N TYR A 43 16.08 20.42 14.81
CA TYR A 43 15.54 19.91 16.08
C TYR A 43 16.00 20.67 17.31
N ASP A 44 15.26 20.50 18.42
CA ASP A 44 15.53 21.15 19.69
C ASP A 44 16.66 20.37 20.35
N GLU A 45 17.77 21.06 20.59
CA GLU A 45 18.98 20.34 21.10
C GLU A 45 18.67 19.65 22.46
N LYS A 46 17.78 20.25 23.22
CA LYS A 46 17.49 19.72 24.59
C LYS A 46 16.31 18.75 24.64
N GLN A 47 15.38 18.88 23.68
CA GLN A 47 14.31 17.91 23.54
C GLN A 47 14.35 17.38 22.10
N GLN A 48 15.12 16.33 21.85
CA GLN A 48 15.51 16.07 20.43
C GLN A 48 14.42 15.51 19.55
N HIS A 49 13.32 15.05 20.16
CA HIS A 49 12.15 14.62 19.39
CA HIS A 49 12.14 14.64 19.40
C HIS A 49 11.47 15.83 18.71
N ILE A 50 11.71 17.03 19.23
CA ILE A 50 10.97 18.23 18.72
C ILE A 50 11.67 18.86 17.50
N VAL A 51 10.88 19.06 16.41
CA VAL A 51 11.41 19.72 15.20
C VAL A 51 10.77 21.12 15.09
N TYR A 52 11.63 22.16 14.97
CA TYR A 52 11.17 23.52 14.75
C TYR A 52 11.39 23.83 13.25
N CYS A 53 10.31 23.91 12.49
CA CYS A 53 10.40 24.06 11.01
C CYS A 53 9.75 25.30 10.50
N SER A 54 9.44 26.23 11.41
CA SER A 54 8.99 27.56 10.99
C SER A 54 10.20 28.17 10.32
N ASN A 55 9.96 29.06 9.39
CA ASN A 55 11.10 29.72 8.71
C ASN A 55 11.93 28.75 7.89
N ASP A 56 11.37 27.57 7.54
CA ASP A 56 12.06 26.67 6.67
C ASP A 56 11.03 26.06 5.70
N LEU A 57 11.50 25.72 4.53
CA LEU A 57 10.65 25.07 3.51
C LEU A 57 9.91 23.85 4.11
N LEU A 58 10.57 23.09 4.98
CA LEU A 58 9.86 21.88 5.57
C LEU A 58 8.61 22.34 6.25
N GLY A 59 8.67 23.45 7.00
CA GLY A 59 7.43 23.87 7.68
C GLY A 59 6.38 24.39 6.71
N ASP A 60 6.84 25.10 5.67
CA ASP A 60 5.94 25.59 4.62
C ASP A 60 5.15 24.36 4.03
N LEU A 61 5.89 23.33 3.62
CA LEU A 61 5.25 22.14 3.03
C LEU A 61 4.39 21.35 4.00
N PHE A 62 4.89 21.13 5.22
CA PHE A 62 4.13 20.38 6.25
C PHE A 62 2.91 21.15 6.76
N GLY A 63 2.95 22.48 6.71
CA GLY A 63 1.79 23.29 7.10
C GLY A 63 1.77 23.46 8.60
N VAL A 64 2.91 23.26 9.26
CA VAL A 64 3.04 23.47 10.71
C VAL A 64 4.35 24.17 11.09
N PRO A 65 4.40 24.90 12.24
CA PRO A 65 5.66 25.49 12.66
C PRO A 65 6.56 24.57 13.45
N SER A 66 5.97 23.47 13.94
CA SER A 66 6.75 22.51 14.69
C SER A 66 5.96 21.22 14.87
N PHE A 67 6.67 20.19 15.23
CA PHE A 67 6.05 18.90 15.52
C PHE A 67 7.06 18.01 16.26
N SER A 68 6.59 16.91 16.76
CA SER A 68 7.49 15.89 17.38
C SER A 68 7.59 14.68 16.49
N VAL A 69 8.78 14.10 16.35
CA VAL A 69 8.94 12.88 15.58
C VAL A 69 8.08 11.71 16.10
N LYS A 70 7.55 11.84 17.33
CA LYS A 70 6.76 10.77 17.90
C LYS A 70 5.33 10.76 17.32
N GLU A 71 4.97 11.86 16.68
CA GLU A 71 3.61 12.01 16.17
C GLU A 71 3.44 11.36 14.82
N HIS A 72 3.45 10.03 14.75
CA HIS A 72 3.41 9.34 13.44
C HIS A 72 2.21 9.63 12.57
N ARG A 73 0.99 9.63 13.14
CA ARG A 73 -0.20 9.86 12.35
C ARG A 73 -0.16 11.25 11.69
N LYS A 74 0.27 12.21 12.48
CA LYS A 74 0.32 13.56 12.01
C LYS A 74 1.39 13.69 10.92
N ILE A 75 2.55 13.02 11.10
CA ILE A 75 3.60 13.07 10.11
C ILE A 75 3.19 12.47 8.76
N TYR A 76 2.54 11.31 8.78
CA TYR A 76 2.18 10.68 7.51
C TYR A 76 1.10 11.54 6.87
N THR A 77 0.23 12.18 7.65
CA THR A 77 -0.77 13.02 7.02
C THR A 77 -0.14 14.27 6.34
N MET A 78 0.86 14.85 7.02
CA MET A 78 1.61 15.96 6.43
C MET A 78 2.36 15.51 5.18
N ILE A 79 2.94 14.32 5.19
CA ILE A 79 3.64 13.82 3.99
C ILE A 79 2.63 13.63 2.85
N TYR A 80 1.45 13.08 3.16
CA TYR A 80 0.41 12.75 2.13
C TYR A 80 0.09 14.07 1.41
N ARG A 81 0.09 15.20 2.11
CA ARG A 81 -0.21 16.49 1.42
C ARG A 81 0.78 16.85 0.32
N ASN A 82 1.97 16.25 0.41
CA ASN A 82 3.09 16.63 -0.46
C ASN A 82 3.40 15.57 -1.52
N LEU A 83 2.46 14.65 -1.73
CA LEU A 83 2.55 13.60 -2.74
C LEU A 83 1.53 13.81 -3.86
N VAL A 84 1.91 13.47 -5.08
CA VAL A 84 0.99 13.67 -6.23
C VAL A 84 -0.11 12.61 -6.18
N VAL A 85 -1.34 13.03 -6.47
CA VAL A 85 -2.50 12.13 -6.44
C VAL A 85 -2.40 11.18 -7.64
N THR C 2 -6.66 17.95 8.82
CA THR C 2 -6.54 17.65 7.37
C THR C 2 -7.58 16.61 7.02
N LEU C 3 -8.49 16.98 6.14
CA LEU C 3 -9.53 16.02 5.72
C LEU C 3 -9.08 15.27 4.49
N VAL C 4 -9.30 13.97 4.50
CA VAL C 4 -8.94 13.13 3.39
C VAL C 4 -10.22 12.61 2.78
N ARG C 5 -10.16 12.23 1.52
CA ARG C 5 -11.34 11.80 0.86
C ARG C 5 -11.08 10.40 0.32
N PRO C 6 -11.67 9.39 0.95
CA PRO C 6 -11.53 8.03 0.44
C PRO C 6 -12.03 7.91 -0.98
N LYS C 7 -11.28 7.17 -1.80
CA LYS C 7 -11.79 6.83 -3.10
C LYS C 7 -13.06 5.99 -2.88
N PRO C 8 -13.88 5.82 -3.93
CA PRO C 8 -15.22 5.26 -3.73
C PRO C 8 -15.26 3.86 -3.09
N LEU C 9 -14.28 3.01 -3.35
CA LEU C 9 -14.29 1.65 -2.80
C LEU C 9 -13.97 1.60 -1.31
N LEU C 10 -12.93 2.33 -0.87
CA LEU C 10 -12.66 2.49 0.56
C LEU C 10 -13.91 3.16 1.17
N LEU C 11 -14.51 4.05 0.42
CA LEU C 11 -15.69 4.78 0.89
C LEU C 11 -16.86 3.82 1.19
N LYS C 12 -17.16 2.92 0.26
CA LYS C 12 -18.20 1.89 0.50
C LYS C 12 -17.81 1.02 1.72
N LEU C 13 -16.54 0.60 1.81
CA LEU C 13 -16.07 -0.16 2.99
C LEU C 13 -16.29 0.61 4.31
N LEU C 14 -16.02 1.91 4.33
CA LEU C 14 -16.18 2.63 5.57
C LEU C 14 -17.67 2.75 5.88
N LYS C 15 -18.44 3.13 4.87
CA LYS C 15 -19.89 3.32 5.06
C LYS C 15 -20.54 2.04 5.58
N SER C 16 -19.96 0.89 5.23
CA SER C 16 -20.46 -0.41 5.64
C SER C 16 -20.34 -0.62 7.13
N VAL C 17 -19.60 0.27 7.81
CA VAL C 17 -19.50 0.19 9.27
C VAL C 17 -19.84 1.51 9.96
N GLY C 18 -20.78 2.26 9.40
CA GLY C 18 -21.33 3.43 10.09
C GLY C 18 -20.82 4.81 9.75
N ALA C 19 -19.80 4.89 8.89
CA ALA C 19 -19.31 6.16 8.43
C ALA C 19 -20.38 6.78 7.54
N GLN C 20 -20.51 8.10 7.61
CA GLN C 20 -21.60 8.76 6.91
C GLN C 20 -21.12 9.92 6.06
N LYS C 21 -19.83 10.22 6.14
CA LYS C 21 -19.32 11.46 5.57
C LYS C 21 -18.62 11.27 4.24
N ASP C 22 -18.25 12.39 3.63
CA ASP C 22 -17.50 12.40 2.37
C ASP C 22 -16.01 12.40 2.65
N THR C 23 -15.64 13.18 3.68
CA THR C 23 -14.27 13.36 4.10
C THR C 23 -14.11 13.07 5.58
N TYR C 24 -12.89 12.70 5.97
CA TYR C 24 -12.64 12.22 7.33
C TYR C 24 -11.28 12.72 7.80
N THR C 25 -11.06 12.81 9.13
CA THR C 25 -9.68 12.93 9.64
C THR C 25 -9.01 11.56 9.58
N MET C 26 -7.67 11.51 9.56
CA MET C 26 -7.05 10.17 9.49
C MET C 26 -7.35 9.34 10.72
N LYS C 27 -7.51 10.02 11.86
CA LYS C 27 -7.97 9.37 13.10
C LYS C 27 -9.30 8.64 12.90
N GLU C 28 -10.26 9.29 12.22
CA GLU C 28 -11.55 8.63 11.87
C GLU C 28 -11.38 7.49 10.90
N VAL C 29 -10.54 7.68 9.86
CA VAL C 29 -10.33 6.55 8.95
C VAL C 29 -9.80 5.35 9.71
N LEU C 30 -8.85 5.59 10.61
CA LEU C 30 -8.22 4.46 11.32
C LEU C 30 -9.23 3.84 12.27
N PHE C 31 -10.01 4.68 12.93
CA PHE C 31 -11.02 4.11 13.83
C PHE C 31 -11.96 3.19 13.05
N TYR C 32 -12.53 3.67 11.95
CA TYR C 32 -13.43 2.81 11.20
C TYR C 32 -12.78 1.60 10.59
N LEU C 33 -11.55 1.72 10.09
CA LEU C 33 -10.87 0.52 9.64
C LEU C 33 -10.79 -0.48 10.79
N GLY C 34 -10.47 0.00 11.99
CA GLY C 34 -10.36 -0.93 13.10
C GLY C 34 -11.75 -1.51 13.40
N GLN C 35 -12.79 -0.70 13.28
CA GLN C 35 -14.18 -1.23 13.46
C GLN C 35 -14.49 -2.34 12.44
N TYR C 36 -13.96 -2.16 11.22
CA TYR C 36 -14.23 -3.06 10.11
C TYR C 36 -13.48 -4.38 10.31
N ILE C 37 -12.20 -4.27 10.70
CA ILE C 37 -11.41 -5.45 11.04
C ILE C 37 -12.02 -6.25 12.22
N MET C 38 -12.38 -5.55 13.29
CA MET C 38 -12.96 -6.22 14.52
C MET C 38 -14.31 -6.85 14.23
N THR C 39 -15.15 -6.10 13.55
CA THR C 39 -16.47 -6.53 13.16
C THR C 39 -16.44 -7.82 12.35
N LYS C 40 -15.56 -7.86 11.35
CA LYS C 40 -15.47 -8.98 10.42
C LYS C 40 -14.48 -10.04 10.88
N ARG C 41 -13.96 -9.84 12.09
CA ARG C 41 -12.99 -10.71 12.73
C ARG C 41 -11.93 -11.14 11.73
N LEU C 42 -11.30 -10.16 11.08
CA LEU C 42 -10.30 -10.47 10.03
C LEU C 42 -8.96 -10.87 10.64
N TYR C 43 -8.80 -10.57 11.91
CA TYR C 43 -7.57 -10.91 12.59
C TYR C 43 -7.51 -12.38 12.98
N ASP C 44 -6.29 -12.89 13.15
CA ASP C 44 -6.07 -14.30 13.55
C ASP C 44 -6.33 -14.44 15.07
N GLU C 45 -7.42 -15.12 15.45
CA GLU C 45 -7.69 -15.40 16.88
C GLU C 45 -6.45 -15.78 17.72
N LYS C 46 -5.55 -16.59 17.14
CA LYS C 46 -4.31 -17.04 17.81
C LYS C 46 -3.11 -16.07 17.74
N GLN C 47 -3.10 -15.18 16.74
CA GLN C 47 -2.03 -14.19 16.54
C GLN C 47 -2.71 -12.89 16.12
N GLN C 48 -3.21 -12.17 17.11
CA GLN C 48 -4.18 -11.13 16.89
C GLN C 48 -3.58 -9.88 16.22
N HIS C 49 -2.26 -9.73 16.30
CA HIS C 49 -1.59 -8.64 15.56
C HIS C 49 -1.65 -8.80 14.03
N ILE C 50 -1.98 -9.99 13.54
CA ILE C 50 -1.98 -10.23 12.10
C ILE C 50 -3.39 -10.24 11.53
N VAL C 51 -3.57 -9.46 10.47
CA VAL C 51 -4.88 -9.30 9.85
C VAL C 51 -4.81 -10.06 8.54
N TYR C 52 -5.72 -11.03 8.36
CA TYR C 52 -5.82 -11.78 7.11
C TYR C 52 -6.96 -11.26 6.24
N CYS C 53 -6.60 -10.82 5.03
CA CYS C 53 -7.56 -10.12 4.20
C CYS C 53 -7.59 -10.50 2.73
N SER C 54 -7.01 -11.66 2.41
CA SER C 54 -6.97 -12.08 0.97
C SER C 54 -8.36 -12.37 0.37
N ASN C 55 -9.29 -12.77 1.25
CA ASN C 55 -10.67 -13.09 0.90
C ASN C 55 -11.66 -11.94 1.12
N ASP C 56 -11.14 -10.71 1.27
CA ASP C 56 -11.99 -9.63 1.73
C ASP C 56 -11.69 -8.39 0.91
N LEU C 57 -12.69 -7.52 0.81
CA LEU C 57 -12.49 -6.27 0.09
C LEU C 57 -11.23 -5.53 0.58
N LEU C 58 -10.96 -5.63 1.89
CA LEU C 58 -9.83 -4.90 2.47
C LEU C 58 -8.55 -5.33 1.80
N GLY C 59 -8.42 -6.62 1.51
CA GLY C 59 -7.17 -7.07 0.85
C GLY C 59 -7.09 -6.51 -0.54
N ASP C 60 -8.21 -6.49 -1.25
CA ASP C 60 -8.18 -6.00 -2.64
C ASP C 60 -7.76 -4.52 -2.68
N LEU C 61 -8.21 -3.75 -1.71
CA LEU C 61 -7.91 -2.30 -1.66
C LEU C 61 -6.49 -2.01 -1.17
N PHE C 62 -6.07 -2.68 -0.10
CA PHE C 62 -4.74 -2.49 0.45
C PHE C 62 -3.67 -3.09 -0.42
N GLY C 63 -4.03 -4.10 -1.23
CA GLY C 63 -3.08 -4.77 -2.12
C GLY C 63 -2.19 -5.84 -1.49
N VAL C 64 -2.62 -6.37 -0.36
CA VAL C 64 -1.88 -7.42 0.32
C VAL C 64 -2.86 -8.47 0.86
N PRO C 65 -2.35 -9.70 1.05
CA PRO C 65 -3.23 -10.73 1.57
C PRO C 65 -3.29 -10.77 3.09
N SER C 66 -2.34 -10.13 3.73
CA SER C 66 -2.31 -10.01 5.17
C SER C 66 -1.34 -8.90 5.57
N PHE C 67 -1.46 -8.39 6.79
CA PHE C 67 -0.43 -7.45 7.26
C PHE C 67 -0.39 -7.50 8.78
N SER C 68 0.62 -6.92 9.39
CA SER C 68 0.70 -6.82 10.84
C SER C 68 0.34 -5.40 11.28
N VAL C 69 -0.48 -5.26 12.34
CA VAL C 69 -0.80 -3.95 12.84
C VAL C 69 0.45 -3.23 13.37
N LYS C 70 1.57 -3.93 13.47
CA LYS C 70 2.79 -3.28 13.95
C LYS C 70 3.47 -2.48 12.81
N GLU C 71 3.06 -2.76 11.58
CA GLU C 71 3.73 -2.22 10.39
C GLU C 71 3.13 -0.89 10.04
N HIS C 72 3.40 0.16 10.83
CA HIS C 72 2.74 1.42 10.58
C HIS C 72 3.07 2.01 9.21
N ARG C 73 4.36 2.01 8.82
CA ARG C 73 4.67 2.63 7.55
C ARG C 73 3.90 1.98 6.40
N LYS C 74 3.87 0.63 6.39
CA LYS C 74 3.15 -0.06 5.34
C LYS C 74 1.67 0.27 5.34
N ILE C 75 1.06 0.29 6.53
CA ILE C 75 -0.37 0.66 6.66
C ILE C 75 -0.65 2.05 6.11
N TYR C 76 0.15 3.05 6.49
CA TYR C 76 -0.09 4.37 5.94
C TYR C 76 0.08 4.41 4.40
N THR C 77 1.04 3.66 3.86
CA THR C 77 1.27 3.62 2.42
C THR C 77 0.07 2.93 1.74
N MET C 78 -0.48 1.90 2.36
CA MET C 78 -1.65 1.18 1.80
C MET C 78 -2.88 2.04 1.84
N ILE C 79 -3.06 2.80 2.94
CA ILE C 79 -4.15 3.75 3.02
C ILE C 79 -4.03 4.85 1.97
N TYR C 80 -2.83 5.41 1.76
CA TYR C 80 -2.62 6.52 0.81
C TYR C 80 -3.23 6.18 -0.59
N ARG C 81 -3.06 4.95 -1.07
CA ARG C 81 -3.47 4.57 -2.40
C ARG C 81 -4.99 4.61 -2.53
N ASN C 82 -5.66 4.62 -1.38
CA ASN C 82 -7.14 4.63 -1.34
C ASN C 82 -7.76 5.96 -0.96
N LEU C 83 -6.96 7.02 -1.07
CA LEU C 83 -7.39 8.36 -0.72
C LEU C 83 -7.21 9.29 -1.88
N VAL C 84 -8.07 10.32 -1.95
CA VAL C 84 -7.75 11.50 -2.74
C VAL C 84 -7.45 12.61 -1.75
N GLU E 1 -0.67 -25.85 6.62
CA GLU E 1 -0.43 -24.99 5.43
C GLU E 1 0.49 -25.66 4.44
N THR E 2 0.17 -25.50 3.15
CA THR E 2 1.07 -25.96 2.10
C THR E 2 1.74 -24.76 1.46
N LEU E 3 3.06 -24.69 1.57
CA LEU E 3 3.84 -23.63 0.92
C LEU E 3 4.31 -24.09 -0.42
N VAL E 4 4.07 -23.28 -1.45
CA VAL E 4 4.54 -23.61 -2.80
C VAL E 4 5.65 -22.64 -3.21
N ARG E 5 6.46 -23.04 -4.17
CA ARG E 5 7.59 -22.26 -4.59
C ARG E 5 7.49 -21.89 -6.08
N PRO E 6 7.13 -20.63 -6.38
CA PRO E 6 6.91 -20.34 -7.79
C PRO E 6 8.21 -20.37 -8.60
N LYS E 7 8.10 -20.80 -9.86
CA LYS E 7 9.17 -20.68 -10.82
C LYS E 7 9.41 -19.22 -11.15
N PRO E 8 10.48 -18.92 -11.91
CA PRO E 8 10.88 -17.49 -12.00
C PRO E 8 9.89 -16.52 -12.65
N LEU E 9 9.19 -16.93 -13.71
CA LEU E 9 8.22 -16.01 -14.35
C LEU E 9 7.00 -15.74 -13.45
N LEU E 10 6.41 -16.81 -12.93
CA LEU E 10 5.33 -16.64 -11.92
C LEU E 10 5.78 -15.72 -10.77
N LEU E 11 6.96 -16.01 -10.19
CA LEU E 11 7.49 -15.26 -9.08
C LEU E 11 7.65 -13.78 -9.44
N LYS E 12 8.20 -13.51 -10.62
CA LYS E 12 8.27 -12.15 -11.14
C LYS E 12 6.90 -11.45 -11.14
N LEU E 13 5.88 -12.18 -11.57
CA LEU E 13 4.55 -11.58 -11.64
C LEU E 13 4.06 -11.24 -10.23
N LEU E 14 4.24 -12.16 -9.26
CA LEU E 14 3.78 -11.87 -7.87
C LEU E 14 4.53 -10.67 -7.33
N LYS E 15 5.87 -10.66 -7.51
CA LYS E 15 6.68 -9.52 -7.01
C LYS E 15 6.32 -8.14 -7.63
N SER E 16 5.79 -8.12 -8.86
CA SER E 16 5.37 -6.87 -9.52
C SER E 16 4.19 -6.22 -8.81
N VAL E 17 3.44 -7.04 -8.05
CA VAL E 17 2.31 -6.52 -7.26
C VAL E 17 2.62 -6.60 -5.76
N GLY E 18 3.90 -6.68 -5.41
CA GLY E 18 4.35 -6.41 -4.03
C GLY E 18 4.79 -7.57 -3.16
N ALA E 19 4.74 -8.79 -3.70
CA ALA E 19 5.17 -9.98 -2.96
C ALA E 19 6.66 -9.88 -2.69
N GLN E 20 7.12 -10.35 -1.52
CA GLN E 20 8.56 -10.26 -1.25
C GLN E 20 9.26 -11.54 -0.81
N LYS E 21 8.59 -12.68 -0.98
CA LYS E 21 9.19 -13.92 -0.50
C LYS E 21 9.33 -14.97 -1.60
N ASP E 22 9.95 -16.09 -1.26
CA ASP E 22 10.17 -17.18 -2.22
C ASP E 22 9.10 -18.26 -2.14
N THR E 23 8.37 -18.31 -1.03
CA THR E 23 7.34 -19.35 -0.85
C THR E 23 6.00 -18.75 -0.40
N TYR E 24 4.91 -19.42 -0.78
CA TYR E 24 3.56 -18.86 -0.62
C TYR E 24 2.54 -19.92 -0.36
N THR E 25 1.43 -19.52 0.28
CA THR E 25 0.26 -20.38 0.24
C THR E 25 -0.48 -20.20 -1.08
N MET E 26 -1.33 -21.18 -1.43
CA MET E 26 -2.09 -21.05 -2.66
C MET E 26 -3.02 -19.86 -2.53
N LYS E 27 -3.52 -19.62 -1.34
CA LYS E 27 -4.34 -18.41 -1.13
C LYS E 27 -3.54 -17.15 -1.55
N GLU E 28 -2.27 -17.04 -1.13
CA GLU E 28 -1.46 -15.86 -1.48
C GLU E 28 -1.16 -15.78 -2.97
N VAL E 29 -0.88 -16.92 -3.60
CA VAL E 29 -0.63 -16.92 -5.04
C VAL E 29 -1.84 -16.44 -5.82
N LEU E 30 -3.00 -16.94 -5.45
CA LEU E 30 -4.21 -16.52 -6.14
C LEU E 30 -4.49 -15.07 -5.83
N PHE E 31 -4.23 -14.66 -4.59
CA PHE E 31 -4.46 -13.27 -4.23
C PHE E 31 -3.68 -12.35 -5.17
N TYR E 32 -2.37 -12.59 -5.30
CA TYR E 32 -1.57 -11.74 -6.11
C TYR E 32 -1.90 -11.84 -7.60
N LEU E 33 -2.29 -13.02 -8.10
CA LEU E 33 -2.69 -13.12 -9.49
C LEU E 33 -3.93 -12.23 -9.71
N GLY E 34 -4.86 -12.28 -8.78
CA GLY E 34 -6.04 -11.44 -8.93
C GLY E 34 -5.74 -9.96 -8.84
N GLN E 35 -4.80 -9.59 -7.95
CA GLN E 35 -4.47 -8.18 -7.80
C GLN E 35 -3.75 -7.71 -9.06
N TYR E 36 -3.01 -8.63 -9.73
CA TYR E 36 -2.27 -8.33 -10.95
C TYR E 36 -3.21 -8.09 -12.08
N ILE E 37 -4.20 -8.98 -12.21
CA ILE E 37 -5.20 -8.85 -13.26
C ILE E 37 -6.01 -7.59 -13.10
N MET E 38 -6.33 -7.26 -11.85
CA MET E 38 -7.17 -6.08 -11.59
C MET E 38 -6.37 -4.82 -11.87
N THR E 39 -5.14 -4.76 -11.37
CA THR E 39 -4.38 -3.53 -11.47
C THR E 39 -3.92 -3.24 -12.92
N LYS E 40 -3.71 -4.28 -13.74
CA LYS E 40 -3.37 -4.09 -15.16
C LYS E 40 -4.62 -4.05 -16.05
N ARG E 41 -5.79 -4.13 -15.42
CA ARG E 41 -7.08 -4.09 -16.11
C ARG E 41 -7.10 -5.06 -17.27
N LEU E 42 -6.65 -6.30 -17.03
CA LEU E 42 -6.60 -7.28 -18.09
C LEU E 42 -7.99 -7.92 -18.34
N TYR E 43 -8.93 -7.70 -17.44
CA TYR E 43 -10.28 -8.26 -17.66
C TYR E 43 -11.03 -7.41 -18.69
N ASP E 44 -12.09 -7.96 -19.24
CA ASP E 44 -12.91 -7.22 -20.19
C ASP E 44 -13.94 -6.43 -19.39
N GLU E 45 -13.94 -5.10 -19.54
CA GLU E 45 -14.89 -4.24 -18.82
C GLU E 45 -16.35 -4.66 -19.08
N LYS E 46 -16.61 -5.19 -20.28
CA LYS E 46 -17.94 -5.68 -20.70
C LYS E 46 -18.38 -7.03 -20.10
N GLN E 47 -17.45 -7.98 -20.00
CA GLN E 47 -17.74 -9.31 -19.42
C GLN E 47 -16.58 -9.68 -18.49
N GLN E 48 -16.70 -9.23 -17.27
CA GLN E 48 -15.51 -9.08 -16.41
C GLN E 48 -15.01 -10.41 -15.84
N HIS E 49 -15.75 -11.50 -16.07
CA HIS E 49 -15.24 -12.86 -15.77
C HIS E 49 -14.10 -13.27 -16.70
N ILE E 50 -14.01 -12.61 -17.87
CA ILE E 50 -13.03 -12.96 -18.87
C ILE E 50 -11.78 -12.08 -18.81
N VAL E 51 -10.62 -12.76 -18.78
CA VAL E 51 -9.31 -12.12 -18.68
C VAL E 51 -8.60 -12.28 -20.03
N TYR E 52 -8.21 -11.14 -20.63
CA TYR E 52 -7.45 -11.14 -21.88
C TYR E 52 -5.97 -10.85 -21.60
N CYS E 53 -5.14 -11.87 -21.81
CA CYS E 53 -3.74 -11.79 -21.41
C CYS E 53 -2.80 -11.91 -22.60
N SER E 54 -3.36 -11.73 -23.79
CA SER E 54 -2.66 -11.88 -25.07
C SER E 54 -1.23 -11.34 -25.09
N ASN E 55 -1.05 -10.04 -24.85
CA ASN E 55 0.29 -9.43 -24.97
C ASN E 55 0.90 -9.06 -23.63
N ASP E 56 0.64 -9.90 -22.64
CA ASP E 56 1.10 -9.68 -21.28
C ASP E 56 1.90 -10.89 -20.78
N LEU E 57 2.85 -10.66 -19.87
CA LEU E 57 3.56 -11.77 -19.23
C LEU E 57 2.68 -12.89 -18.63
N LEU E 58 1.46 -12.56 -18.20
CA LEU E 58 0.52 -13.57 -17.72
C LEU E 58 0.13 -14.56 -18.84
N GLY E 59 0.06 -14.06 -20.08
CA GLY E 59 -0.30 -14.86 -21.26
C GLY E 59 0.76 -15.90 -21.60
N ASP E 60 1.99 -15.61 -21.20
CA ASP E 60 3.09 -16.59 -21.25
C ASP E 60 2.89 -17.75 -20.25
N LEU E 61 2.40 -17.45 -19.05
CA LEU E 61 2.05 -18.51 -18.08
C LEU E 61 0.90 -19.40 -18.55
N PHE E 62 -0.17 -18.79 -19.03
CA PHE E 62 -1.34 -19.55 -19.49
C PHE E 62 -1.21 -20.23 -20.86
N GLY E 63 -0.24 -19.81 -21.68
CA GLY E 63 -0.14 -20.24 -23.07
C GLY E 63 -1.47 -20.26 -23.81
N VAL E 64 -2.28 -19.23 -23.58
CA VAL E 64 -3.63 -19.13 -24.15
C VAL E 64 -3.98 -17.62 -24.17
N PRO E 65 -4.80 -17.16 -25.15
CA PRO E 65 -4.99 -15.69 -25.25
C PRO E 65 -5.92 -15.09 -24.17
N SER E 66 -6.70 -15.96 -23.52
CA SER E 66 -7.70 -15.54 -22.52
C SER E 66 -8.29 -16.75 -21.76
N PHE E 67 -8.92 -16.47 -20.62
CA PHE E 67 -9.57 -17.51 -19.82
C PHE E 67 -10.64 -16.84 -19.01
N SER E 68 -11.56 -17.63 -18.50
CA SER E 68 -12.58 -17.10 -17.61
C SER E 68 -12.15 -17.41 -16.18
N VAL E 69 -12.47 -16.53 -15.24
CA VAL E 69 -12.14 -16.84 -13.85
C VAL E 69 -12.95 -18.05 -13.34
N LYS E 70 -13.95 -18.46 -14.11
CA LYS E 70 -14.71 -19.68 -13.78
C LYS E 70 -13.93 -20.95 -14.06
N GLU E 71 -12.84 -20.85 -14.79
CA GLU E 71 -12.14 -22.05 -15.26
C GLU E 71 -11.10 -22.49 -14.27
N HIS E 72 -11.60 -23.04 -13.15
CA HIS E 72 -10.70 -23.37 -12.05
C HIS E 72 -9.68 -24.42 -12.49
N ARG E 73 -10.14 -25.48 -13.18
CA ARG E 73 -9.17 -26.53 -13.52
C ARG E 73 -8.02 -25.97 -14.35
N LYS E 74 -8.38 -25.17 -15.34
CA LYS E 74 -7.38 -24.57 -16.23
C LYS E 74 -6.40 -23.66 -15.44
N ILE E 75 -6.95 -22.92 -14.49
CA ILE E 75 -6.12 -21.95 -13.72
C ILE E 75 -5.15 -22.74 -12.81
N TYR E 76 -5.69 -23.68 -12.03
CA TYR E 76 -4.83 -24.52 -11.14
C TYR E 76 -3.80 -25.32 -11.91
N THR E 77 -4.16 -25.75 -13.13
CA THR E 77 -3.20 -26.50 -13.96
C THR E 77 -2.09 -25.59 -14.42
N MET E 78 -2.45 -24.39 -14.90
CA MET E 78 -1.44 -23.34 -15.12
C MET E 78 -0.49 -23.14 -13.91
N ILE E 79 -1.07 -23.02 -12.72
CA ILE E 79 -0.23 -22.80 -11.52
C ILE E 79 0.72 -23.98 -11.31
N TYR E 80 0.23 -25.20 -11.49
N TYR E 80 0.21 -25.20 -11.49
CA TYR E 80 1.07 -26.40 -11.33
CA TYR E 80 1.03 -26.41 -11.32
C TYR E 80 2.28 -26.31 -12.25
C TYR E 80 2.26 -26.32 -12.25
N ARG E 81 2.04 -25.83 -13.48
CA ARG E 81 3.14 -25.80 -14.51
C ARG E 81 4.19 -24.82 -14.08
N ASN E 82 3.78 -23.89 -13.21
CA ASN E 82 4.68 -22.82 -12.79
C ASN E 82 5.17 -22.88 -11.35
N LEU E 83 5.16 -24.08 -10.76
CA LEU E 83 5.74 -24.29 -9.41
C LEU E 83 6.96 -25.25 -9.42
N VAL E 84 7.93 -24.97 -8.54
CA VAL E 84 9.14 -25.78 -8.37
C VAL E 84 8.88 -27.03 -7.52
#